data_3LEW
#
_entry.id   3LEW
#
_cell.length_a   191.772
_cell.length_b   46.707
_cell.length_c   73.524
_cell.angle_alpha   90.000
_cell.angle_beta   106.550
_cell.angle_gamma   90.000
#
_symmetry.space_group_name_H-M   'C 1 2 1'
#
loop_
_entity.id
_entity.type
_entity.pdbx_description
1 polymer 'SusD-like carbohydrate binding protein'
2 non-polymer 'PENTAETHYLENE GLYCOL'
3 non-polymer 'NONAETHYLENE GLYCOL'
4 water water
#
_entity_poly.entity_id   1
_entity_poly.type   'polypeptide(L)'
_entity_poly.pdbx_seq_one_letter_code
;GLDTIPTTYVDAGSVFGKTGDAEKVLNGGWNYL(MSE)ETFNSYANPGYGA(MSE)LRANDA(MSE)GSDVVLNSKYGFR
THNEFSAIYGKGGTNTLSWLLAYRVINDCNGVLDNIDAAEGTQADRNRIKGQALALRGFLYLHLASCYSFAIDKDPDAVC
APIYTQSTDETIAAEGKPASSVSEVYAQSINDLEEALELIPETYVRDAKHKIDNEVVLGILSRACLYARQWEKAKTYSDK
LLAKDNYL(MSE)TESEYKAGFNSVDNKEWIWGHAQTNDQSNASYQFHYLDTTTKGSYYYSFNVDPYFRDLFEDGDYRKE
(MSE)LFWATDPGADVESAAYVW(MSE)RNSKFRFRDIENQLGDIVL(MSE)RVAEIYLINAEAKAHLNDPDAINKLNDL
KTARGAKTIHTNLSQQDLLETIWLERRKELWGEGFSLIDIIRNQQTVVRNAYPEGPIDYIYTDENGQTHTLKKKTQGHRF
FNFPDKSAFCPNSKYYLYRITDSEELANKNLYKDHPKLSIYTK
;
_entity_poly.pdbx_strand_id   A
#
loop_
_chem_comp.id
_chem_comp.type
_chem_comp.name
_chem_comp.formula
1PE non-polymer 'PENTAETHYLENE GLYCOL' 'C10 H22 O6'
2PE non-polymer 'NONAETHYLENE GLYCOL' 'C18 H38 O10'
#
# COMPACT_ATOMS: atom_id res chain seq x y z
N PHE A 16 12.64 -24.72 18.07
CA PHE A 16 12.18 -23.84 19.19
C PHE A 16 12.91 -24.17 20.50
N GLY A 17 13.15 -23.15 21.32
CA GLY A 17 13.82 -23.30 22.61
C GLY A 17 14.33 -22.02 23.27
N LYS A 18 14.92 -21.11 22.50
CA LYS A 18 15.49 -19.89 23.03
C LYS A 18 14.85 -18.72 22.32
N THR A 19 14.93 -17.54 22.92
CA THR A 19 14.41 -16.34 22.29
C THR A 19 14.93 -16.17 20.86
N GLY A 20 16.23 -16.41 20.64
CA GLY A 20 16.83 -16.31 19.29
C GLY A 20 16.11 -17.20 18.25
N ASP A 21 15.64 -18.36 18.72
CA ASP A 21 14.98 -19.36 17.87
C ASP A 21 13.61 -18.84 17.44
N ALA A 22 12.91 -18.17 18.35
CA ALA A 22 11.62 -17.55 18.03
C ALA A 22 11.83 -16.41 17.04
N GLU A 23 12.84 -15.60 17.27
CA GLU A 23 13.13 -14.50 16.37
C GLU A 23 13.45 -15.02 14.97
N LYS A 24 14.12 -16.16 14.88
CA LYS A 24 14.45 -16.71 13.58
C LYS A 24 13.19 -17.05 12.80
N VAL A 25 12.20 -17.66 13.46
CA VAL A 25 10.93 -17.94 12.80
C VAL A 25 10.23 -16.67 12.31
N LEU A 26 10.22 -15.65 13.16
CA LEU A 26 9.63 -14.38 12.77
C LEU A 26 10.36 -13.74 11.58
N ASN A 27 11.70 -13.80 11.59
CA ASN A 27 12.50 -13.25 10.50
C ASN A 27 12.19 -14.00 9.20
N GLY A 28 12.01 -15.32 9.30
CA GLY A 28 11.68 -16.14 8.13
C GLY A 28 10.30 -15.79 7.56
N GLY A 29 9.32 -15.61 8.44
CA GLY A 29 7.99 -15.12 8.07
C GLY A 29 8.04 -13.80 7.33
N TRP A 30 8.84 -12.86 7.84
CA TRP A 30 8.98 -11.54 7.21
C TRP A 30 9.54 -11.71 5.79
N ASN A 31 10.63 -12.47 5.67
CA ASN A 31 11.26 -12.78 4.39
CA ASN A 31 11.21 -12.65 4.36
C ASN A 31 10.23 -13.39 3.42
N TYR A 32 9.48 -14.36 3.92
CA TYR A 32 8.48 -15.00 3.07
C TYR A 32 7.44 -14.01 2.56
N LEU A 33 6.98 -13.10 3.45
CA LEU A 33 5.99 -12.09 3.09
C LEU A 33 6.50 -11.22 1.96
N MSE A 34 7.76 -10.81 2.08
CA MSE A 34 8.36 -9.82 1.17
C MSE A 34 8.94 -10.34 -0.11
O MSE A 34 8.92 -9.63 -1.18
CB MSE A 34 9.38 -8.96 1.92
CG MSE A 34 8.79 -8.14 3.06
SE MSE A 34 7.48 -6.79 2.43
CE MSE A 34 8.31 -5.94 0.99
N GLU A 35 9.45 -11.57 -0.06
CA GLU A 35 10.28 -12.11 -1.13
C GLU A 35 9.64 -13.15 -2.03
N THR A 36 8.46 -13.69 -1.66
CA THR A 36 7.95 -14.85 -2.37
C THR A 36 7.26 -14.47 -3.68
N PHE A 37 7.76 -15.02 -4.79
CA PHE A 37 7.09 -14.85 -6.07
C PHE A 37 5.86 -15.74 -6.20
N ASN A 38 4.83 -15.24 -6.90
CA ASN A 38 3.88 -16.14 -7.59
C ASN A 38 3.92 -15.84 -9.11
N SER A 39 4.93 -16.42 -9.77
CA SER A 39 5.41 -15.95 -11.08
C SER A 39 6.10 -14.62 -10.92
N TYR A 40 6.86 -14.24 -11.91
CA TYR A 40 7.47 -12.93 -11.93
C TYR A 40 6.49 -11.75 -11.88
N ALA A 41 5.22 -11.98 -12.22
CA ALA A 41 4.18 -10.92 -12.15
C ALA A 41 3.88 -10.49 -10.72
N ASN A 42 4.21 -11.34 -9.73
CA ASN A 42 3.85 -11.07 -8.33
C ASN A 42 5.03 -11.22 -7.37
N PRO A 43 5.82 -10.17 -7.21
CA PRO A 43 7.03 -10.30 -6.34
C PRO A 43 6.74 -10.02 -4.89
N GLY A 44 6.23 -11.01 -4.15
CA GLY A 44 5.91 -10.80 -2.74
C GLY A 44 4.80 -9.84 -2.42
N TYR A 45 4.74 -9.40 -1.16
CA TYR A 45 3.67 -8.51 -0.70
C TYR A 45 3.50 -7.22 -1.52
N GLY A 46 4.63 -6.69 -2.02
CA GLY A 46 4.56 -5.55 -2.91
C GLY A 46 3.70 -5.71 -4.14
N ALA A 47 3.53 -6.92 -4.65
CA ALA A 47 2.56 -7.18 -5.68
C ALA A 47 1.16 -6.67 -5.36
N MSE A 48 0.70 -6.86 -4.12
CA MSE A 48 -0.60 -6.31 -3.76
C MSE A 48 -0.60 -4.77 -3.74
O MSE A 48 -1.55 -4.14 -4.20
CB MSE A 48 -1.06 -6.88 -2.42
CG MSE A 48 -1.55 -8.35 -2.55
SE MSE A 48 -0.14 -9.60 -2.19
CE MSE A 48 -0.06 -9.47 -0.46
N LEU A 49 0.50 -4.16 -3.29
CA LEU A 49 0.61 -2.69 -3.31
C LEU A 49 0.53 -2.19 -4.75
N ARG A 50 1.18 -2.92 -5.68
CA ARG A 50 1.13 -2.52 -7.08
C ARG A 50 -0.28 -2.70 -7.66
N ALA A 51 -0.93 -3.83 -7.37
CA ALA A 51 -2.31 -4.04 -7.77
C ALA A 51 -3.19 -2.89 -7.30
N ASN A 52 -2.99 -2.49 -6.05
CA ASN A 52 -3.79 -1.44 -5.42
C ASN A 52 -3.74 -0.11 -6.18
N ASP A 53 -2.58 0.23 -6.70
CA ASP A 53 -2.45 1.45 -7.48
C ASP A 53 -2.93 1.29 -8.90
N ALA A 54 -2.72 0.12 -9.52
CA ALA A 54 -3.26 -0.14 -10.84
C ALA A 54 -4.78 -0.04 -10.84
N MSE A 55 -5.39 -0.33 -9.69
CA MSE A 55 -6.85 -0.29 -9.57
C MSE A 55 -7.39 1.09 -9.07
O MSE A 55 -8.49 1.17 -8.50
CB MSE A 55 -7.21 -1.45 -8.66
CG MSE A 55 -6.95 -2.81 -9.34
SE MSE A 55 -7.10 -4.29 -8.16
CE MSE A 55 -9.02 -4.31 -7.82
N GLY A 56 -6.66 2.17 -9.37
CA GLY A 56 -7.00 3.48 -8.93
C GLY A 56 -7.22 4.45 -10.10
N SER A 57 -7.26 5.73 -9.77
CA SER A 57 -7.56 6.75 -10.74
C SER A 57 -6.33 7.34 -11.39
N ASP A 58 -5.15 7.06 -10.83
CA ASP A 58 -3.96 7.86 -11.18
C ASP A 58 -2.86 7.16 -11.97
N VAL A 59 -3.08 5.90 -12.28
CA VAL A 59 -2.07 5.05 -12.92
C VAL A 59 -2.66 4.47 -14.20
N VAL A 60 -1.88 4.57 -15.29
CA VAL A 60 -2.14 3.96 -16.58
CA VAL A 60 -2.21 3.84 -16.49
C VAL A 60 -1.11 2.85 -16.82
N LEU A 61 -1.57 1.63 -17.07
CA LEU A 61 -0.70 0.51 -17.39
C LEU A 61 -0.46 0.45 -18.91
N ASN A 62 0.79 0.19 -19.30
CA ASN A 62 1.05 -0.19 -20.66
C ASN A 62 0.67 -1.66 -20.89
N SER A 63 1.07 -2.19 -22.03
CA SER A 63 0.74 -3.50 -22.55
CA SER A 63 0.63 -3.54 -22.39
C SER A 63 1.70 -4.60 -22.13
N LYS A 64 2.72 -4.24 -21.34
CA LYS A 64 3.74 -5.21 -21.03
C LYS A 64 3.23 -6.20 -19.98
N TYR A 65 4.03 -7.25 -19.81
CA TYR A 65 3.82 -8.24 -18.76
C TYR A 65 3.61 -7.60 -17.40
N GLY A 66 2.70 -8.22 -16.64
CA GLY A 66 2.48 -7.82 -15.26
C GLY A 66 1.08 -7.42 -14.88
N PHE A 67 0.81 -6.11 -14.88
CA PHE A 67 -0.39 -5.57 -14.23
C PHE A 67 -1.44 -4.95 -15.11
N ARG A 68 -1.39 -5.24 -16.40
CA ARG A 68 -2.41 -4.65 -17.32
C ARG A 68 -3.83 -5.09 -16.92
N THR A 69 -4.04 -6.37 -16.58
CA THR A 69 -5.37 -6.84 -16.24
C THR A 69 -5.89 -6.20 -14.93
N HIS A 70 -4.98 -5.81 -14.04
CA HIS A 70 -5.33 -5.09 -12.81
C HIS A 70 -5.84 -3.72 -13.14
N ASN A 71 -5.18 -3.03 -14.10
CA ASN A 71 -5.63 -1.71 -14.52
C ASN A 71 -7.04 -1.79 -15.12
N GLU A 72 -7.37 -2.92 -15.73
CA GLU A 72 -8.68 -3.20 -16.34
CA GLU A 72 -8.70 -3.08 -16.33
C GLU A 72 -9.76 -3.63 -15.33
N PHE A 73 -9.32 -3.94 -14.12
CA PHE A 73 -10.18 -4.49 -13.04
C PHE A 73 -10.58 -5.96 -13.23
N SER A 74 -9.89 -6.67 -14.12
CA SER A 74 -10.24 -8.09 -14.27
C SER A 74 -9.41 -9.07 -13.41
N ALA A 75 -8.20 -8.65 -12.97
CA ALA A 75 -7.23 -9.54 -12.30
C ALA A 75 -7.68 -10.07 -10.92
N ILE A 76 -8.09 -9.17 -10.04
CA ILE A 76 -8.39 -9.56 -8.67
C ILE A 76 -9.79 -10.22 -8.60
N TYR A 77 -10.78 -9.59 -9.20
CA TYR A 77 -12.13 -10.17 -9.30
C TYR A 77 -12.05 -11.53 -9.98
N GLY A 78 -11.15 -11.63 -10.96
CA GLY A 78 -10.86 -12.87 -11.67
C GLY A 78 -10.10 -13.95 -10.93
N LYS A 79 -9.76 -13.70 -9.66
CA LYS A 79 -9.01 -14.65 -8.84
C LYS A 79 -7.72 -15.13 -9.49
N GLY A 80 -7.00 -14.19 -10.10
CA GLY A 80 -5.67 -14.48 -10.66
C GLY A 80 -4.56 -14.67 -9.62
N GLY A 81 -3.32 -14.64 -10.09
CA GLY A 81 -2.18 -14.98 -9.24
C GLY A 81 -1.94 -14.01 -8.08
N THR A 82 -2.27 -12.73 -8.26
CA THR A 82 -2.11 -11.69 -7.24
C THR A 82 -3.08 -12.00 -6.08
N ASN A 83 -4.32 -12.31 -6.45
CA ASN A 83 -5.32 -12.71 -5.47
C ASN A 83 -4.92 -13.94 -4.70
N THR A 84 -4.43 -14.95 -5.39
CA THR A 84 -3.94 -16.15 -4.75
C THR A 84 -2.79 -15.88 -3.80
N LEU A 85 -1.79 -15.12 -4.25
CA LEU A 85 -0.64 -14.87 -3.41
C LEU A 85 -1.02 -14.10 -2.14
N SER A 86 -2.00 -13.21 -2.26
CA SER A 86 -2.45 -12.44 -1.10
C SER A 86 -2.88 -13.35 0.04
N TRP A 87 -3.74 -14.29 -0.33
CA TRP A 87 -4.29 -15.24 0.65
C TRP A 87 -3.19 -16.11 1.29
N LEU A 88 -2.31 -16.65 0.45
CA LEU A 88 -1.25 -17.52 0.92
CA LEU A 88 -1.23 -17.51 0.90
C LEU A 88 -0.27 -16.80 1.83
N LEU A 89 0.16 -15.61 1.42
CA LEU A 89 1.14 -14.86 2.21
C LEU A 89 0.51 -14.47 3.55
N ALA A 90 -0.72 -13.94 3.52
CA ALA A 90 -1.37 -13.50 4.75
C ALA A 90 -1.44 -14.66 5.76
N TYR A 91 -1.92 -15.82 5.35
CA TYR A 91 -2.17 -16.89 6.29
C TYR A 91 -0.93 -17.69 6.66
N ARG A 92 0.02 -17.86 5.74
CA ARG A 92 1.24 -18.54 6.13
C ARG A 92 2.04 -17.73 7.12
N VAL A 93 2.04 -16.40 6.99
CA VAL A 93 2.85 -15.53 7.86
C VAL A 93 2.11 -15.30 9.18
N ILE A 94 0.79 -15.23 9.12
CA ILE A 94 0.01 -15.28 10.38
C ILE A 94 0.34 -16.56 11.15
N ASN A 95 0.45 -17.69 10.45
CA ASN A 95 0.79 -18.94 11.13
C ASN A 95 2.18 -18.88 11.78
N ASP A 96 3.15 -18.30 11.12
CA ASP A 96 4.47 -18.03 11.73
C ASP A 96 4.37 -17.20 13.01
N CYS A 97 3.62 -16.09 12.95
CA CYS A 97 3.39 -15.26 14.13
C CYS A 97 2.75 -16.10 15.24
N ASN A 98 1.74 -16.91 14.91
CA ASN A 98 1.07 -17.73 15.93
C ASN A 98 2.01 -18.80 16.51
N GLY A 99 2.88 -19.37 15.68
CA GLY A 99 3.86 -20.35 16.21
C GLY A 99 4.81 -19.69 17.20
N VAL A 100 5.25 -18.47 16.90
CA VAL A 100 6.06 -17.69 17.84
C VAL A 100 5.29 -17.40 19.15
N LEU A 101 4.05 -16.92 19.00
CA LEU A 101 3.20 -16.61 20.13
C LEU A 101 2.91 -17.85 20.97
N ASP A 102 2.84 -19.04 20.38
CA ASP A 102 2.55 -20.28 21.14
C ASP A 102 3.75 -20.75 21.98
N ASN A 103 4.96 -20.29 21.64
CA ASN A 103 6.20 -20.77 22.20
C ASN A 103 7.04 -19.69 22.92
N ILE A 104 6.72 -18.41 22.76
CA ILE A 104 7.63 -17.34 23.23
C ILE A 104 7.70 -17.28 24.76
N ASP A 105 6.60 -17.60 25.46
CA ASP A 105 6.63 -17.53 26.92
C ASP A 105 7.55 -18.56 27.54
N ALA A 106 7.79 -19.66 26.84
CA ALA A 106 8.67 -20.71 27.33
C ALA A 106 10.13 -20.52 26.85
N ALA A 107 10.41 -19.50 26.03
CA ALA A 107 11.73 -19.36 25.40
C ALA A 107 12.80 -18.97 26.43
N GLU A 108 13.91 -19.68 26.46
CA GLU A 108 15.06 -19.30 27.33
C GLU A 108 15.67 -17.97 26.85
N GLY A 109 15.90 -17.05 27.77
CA GLY A 109 16.38 -15.71 27.44
C GLY A 109 15.94 -14.74 28.51
N THR A 110 16.01 -13.45 28.20
CA THR A 110 15.58 -12.39 29.10
C THR A 110 14.08 -12.15 28.96
N GLN A 111 13.47 -11.67 30.02
CA GLN A 111 12.07 -11.29 29.96
C GLN A 111 11.87 -10.13 29.01
N ALA A 112 12.84 -9.20 28.97
CA ALA A 112 12.82 -8.12 27.98
C ALA A 112 12.68 -8.65 26.54
N ASP A 113 13.52 -9.61 26.19
CA ASP A 113 13.47 -10.20 24.84
C ASP A 113 12.18 -10.99 24.61
N ARG A 114 11.71 -11.74 25.61
CA ARG A 114 10.43 -12.40 25.43
C ARG A 114 9.33 -11.37 25.15
N ASN A 115 9.27 -10.29 25.93
CA ASN A 115 8.19 -9.30 25.71
C ASN A 115 8.28 -8.68 24.33
N ARG A 116 9.48 -8.26 23.93
CA ARG A 116 9.69 -7.54 22.69
C ARG A 116 9.40 -8.43 21.47
N ILE A 117 9.85 -9.68 21.52
CA ILE A 117 9.58 -10.64 20.45
C ILE A 117 8.08 -10.97 20.34
N LYS A 118 7.44 -11.17 21.50
CA LYS A 118 5.97 -11.35 21.52
C LYS A 118 5.26 -10.16 20.88
N GLY A 119 5.70 -8.94 21.22
CA GLY A 119 5.14 -7.74 20.64
C GLY A 119 5.32 -7.64 19.13
N GLN A 120 6.50 -8.01 18.67
CA GLN A 120 6.77 -7.99 17.26
C GLN A 120 5.88 -9.01 16.46
N ALA A 121 5.68 -10.18 17.03
CA ALA A 121 4.80 -11.20 16.46
C ALA A 121 3.35 -10.74 16.40
N LEU A 122 2.89 -10.08 17.46
CA LEU A 122 1.54 -9.52 17.48
C LEU A 122 1.37 -8.39 16.49
N ALA A 123 2.38 -7.52 16.36
CA ALA A 123 2.32 -6.37 15.45
C ALA A 123 2.26 -6.84 14.00
N LEU A 124 3.10 -7.82 13.64
CA LEU A 124 3.07 -8.39 12.29
C LEU A 124 1.73 -9.06 12.03
N ARG A 125 1.25 -9.81 13.01
CA ARG A 125 -0.06 -10.45 12.84
C ARG A 125 -1.15 -9.40 12.64
N GLY A 126 -1.12 -8.35 13.48
CA GLY A 126 -2.06 -7.25 13.33
C GLY A 126 -2.01 -6.59 11.96
N PHE A 127 -0.80 -6.39 11.44
CA PHE A 127 -0.61 -5.84 10.09
C PHE A 127 -1.26 -6.70 9.00
N LEU A 128 -1.16 -8.01 9.16
CA LEU A 128 -1.71 -8.92 8.16
C LEU A 128 -3.24 -8.97 8.29
N TYR A 129 -3.78 -8.89 9.49
CA TYR A 129 -5.27 -8.74 9.62
C TYR A 129 -5.75 -7.37 9.07
N LEU A 130 -4.93 -6.32 9.17
CA LEU A 130 -5.26 -5.04 8.55
C LEU A 130 -5.35 -5.17 7.03
N HIS A 131 -4.42 -5.92 6.44
CA HIS A 131 -4.50 -6.24 5.01
C HIS A 131 -5.83 -6.91 4.61
N LEU A 132 -6.20 -7.94 5.38
CA LEU A 132 -7.43 -8.66 5.12
C LEU A 132 -8.63 -7.74 5.28
N ALA A 133 -8.70 -6.99 6.38
CA ALA A 133 -9.83 -6.13 6.66
C ALA A 133 -10.04 -5.04 5.61
N SER A 134 -8.93 -4.47 5.14
CA SER A 134 -8.98 -3.30 4.25
C SER A 134 -9.19 -3.63 2.78
N CYS A 135 -8.98 -4.88 2.35
CA CYS A 135 -9.03 -5.31 0.95
CA CYS A 135 -9.26 -5.13 0.94
C CYS A 135 -10.14 -6.32 0.61
N TYR A 136 -10.62 -7.10 1.59
CA TYR A 136 -11.55 -8.21 1.36
C TYR A 136 -13.04 -7.92 1.67
N SER A 137 -13.32 -6.69 2.06
CA SER A 137 -14.67 -6.25 2.35
C SER A 137 -14.80 -4.78 1.97
N PHE A 138 -16.02 -4.35 1.71
CA PHE A 138 -16.31 -2.92 1.60
C PHE A 138 -16.13 -2.24 2.97
N ALA A 139 -16.15 -0.92 2.94
CA ALA A 139 -15.88 -0.09 4.15
C ALA A 139 -16.67 -0.57 5.36
N ILE A 140 -16.06 -0.41 6.53
CA ILE A 140 -16.68 -0.80 7.79
C ILE A 140 -18.02 -0.09 8.03
N ASP A 141 -18.21 1.12 7.49
CA ASP A 141 -19.47 1.83 7.65
C ASP A 141 -20.44 1.58 6.50
N LYS A 142 -20.02 0.83 5.49
CA LYS A 142 -20.91 0.41 4.42
C LYS A 142 -21.72 -0.78 4.94
N ASP A 143 -21.04 -1.80 5.48
CA ASP A 143 -21.68 -2.99 6.03
CA ASP A 143 -21.71 -2.88 6.24
C ASP A 143 -20.76 -3.51 7.20
N PRO A 144 -20.93 -3.10 8.47
CA PRO A 144 -19.97 -3.61 9.45
C PRO A 144 -19.99 -5.10 9.73
N ASP A 145 -21.07 -5.77 9.39
CA ASP A 145 -21.21 -7.18 9.68
C ASP A 145 -20.91 -8.03 8.44
N ALA A 146 -20.45 -7.41 7.36
CA ALA A 146 -20.16 -8.16 6.14
C ALA A 146 -19.06 -9.18 6.34
N VAL A 147 -19.11 -10.27 5.58
CA VAL A 147 -18.07 -11.26 5.66
C VAL A 147 -16.71 -10.67 5.28
N CYS A 148 -15.66 -11.13 5.94
CA CYS A 148 -14.29 -10.72 5.60
C CYS A 148 -13.39 -11.96 5.44
N ALA A 149 -12.93 -12.54 6.56
CA ALA A 149 -11.92 -13.62 6.48
C ALA A 149 -11.86 -14.31 7.84
N PRO A 150 -11.40 -15.56 7.88
CA PRO A 150 -11.26 -16.28 9.16
C PRO A 150 -10.12 -15.71 9.99
N ILE A 151 -10.29 -15.76 11.30
CA ILE A 151 -9.28 -15.28 12.25
C ILE A 151 -8.71 -16.45 12.98
N TYR A 152 -7.39 -16.63 12.90
CA TYR A 152 -6.69 -17.63 13.69
C TYR A 152 -5.69 -16.95 14.61
N THR A 153 -5.71 -17.39 15.86
CA THR A 153 -4.81 -16.87 16.88
C THR A 153 -3.98 -17.96 17.55
N GLN A 154 -4.09 -19.19 17.03
CA GLN A 154 -3.29 -20.35 17.45
C GLN A 154 -2.65 -20.97 16.20
N SER A 155 -1.47 -21.60 16.35
CA SER A 155 -0.75 -22.13 15.18
C SER A 155 -1.55 -23.22 14.43
N THR A 156 -1.38 -23.16 13.10
CA THR A 156 -2.30 -23.66 12.05
C THR A 156 -3.78 -23.76 12.45
N GLU A 158 -6.67 -25.44 16.67
CA GLU A 158 -7.48 -26.36 17.47
C GLU A 158 -8.27 -27.37 16.57
N THR A 159 -9.34 -27.94 17.14
CA THR A 159 -10.31 -28.76 16.39
C THR A 159 -11.23 -27.90 15.48
N ILE A 160 -11.55 -26.68 15.94
CA ILE A 160 -12.32 -25.70 15.15
C ILE A 160 -11.61 -25.30 13.84
N ALA A 161 -10.27 -25.29 13.86
CA ALA A 161 -9.42 -24.88 12.71
C ALA A 161 -9.29 -25.94 11.56
N ALA A 162 -9.19 -27.23 11.93
CA ALA A 162 -8.97 -28.38 10.98
C ALA A 162 -10.16 -28.70 10.06
N GLU A 163 -11.33 -28.90 10.66
CA GLU A 163 -12.58 -28.62 9.95
C GLU A 163 -12.49 -27.10 9.87
N GLY A 164 -13.20 -26.48 8.93
CA GLY A 164 -12.99 -25.06 8.72
C GLY A 164 -13.46 -24.12 9.82
N LYS A 165 -12.77 -23.01 9.99
CA LYS A 165 -13.26 -21.88 10.82
C LYS A 165 -14.10 -20.85 9.99
N PRO A 166 -15.32 -20.50 10.45
CA PRO A 166 -16.10 -19.50 9.72
C PRO A 166 -15.37 -18.19 9.62
N ALA A 167 -15.51 -17.50 8.47
CA ALA A 167 -14.98 -16.17 8.35
C ALA A 167 -15.66 -15.25 9.40
N SER A 168 -14.88 -14.32 9.92
CA SER A 168 -15.35 -13.21 10.77
C SER A 168 -15.74 -12.04 9.89
N SER A 169 -16.39 -11.04 10.48
CA SER A 169 -16.86 -9.87 9.75
C SER A 169 -15.77 -8.85 9.64
N VAL A 170 -15.99 -7.87 8.76
CA VAL A 170 -15.01 -6.80 8.57
C VAL A 170 -14.77 -6.03 9.88
N SER A 171 -15.82 -5.78 10.67
CA SER A 171 -15.64 -5.11 11.97
CA SER A 171 -15.62 -5.11 11.96
C SER A 171 -14.77 -5.97 12.91
N GLU A 172 -15.02 -7.28 12.90
CA GLU A 172 -14.26 -8.18 13.77
C GLU A 172 -12.79 -8.29 13.37
N VAL A 173 -12.49 -8.29 12.08
CA VAL A 173 -11.13 -8.38 11.61
C VAL A 173 -10.41 -7.08 11.91
N TYR A 174 -11.06 -5.94 11.65
CA TYR A 174 -10.48 -4.66 12.12
C TYR A 174 -10.19 -4.66 13.63
N ALA A 175 -11.12 -5.15 14.46
CA ALA A 175 -10.95 -5.15 15.90
C ALA A 175 -9.76 -6.04 16.31
N GLN A 176 -9.60 -7.17 15.61
CA GLN A 176 -8.49 -8.10 15.83
C GLN A 176 -7.17 -7.41 15.51
N SER A 177 -7.11 -6.71 14.40
CA SER A 177 -5.89 -5.98 14.01
C SER A 177 -5.50 -4.96 15.08
N ILE A 178 -6.46 -4.12 15.44
CA ILE A 178 -6.23 -3.06 16.42
C ILE A 178 -5.85 -3.66 17.77
N ASN A 179 -6.54 -4.72 18.21
CA ASN A 179 -6.19 -5.33 19.48
C ASN A 179 -4.78 -5.91 19.52
N ASP A 180 -4.39 -6.62 18.45
CA ASP A 180 -3.03 -7.15 18.35
C ASP A 180 -2.00 -6.04 18.42
N LEU A 181 -2.23 -4.95 17.71
CA LEU A 181 -1.31 -3.83 17.67
C LEU A 181 -1.26 -3.05 19.02
N GLU A 182 -2.39 -2.95 19.72
CA GLU A 182 -2.40 -2.29 21.02
C GLU A 182 -1.67 -3.15 22.02
N GLU A 183 -1.82 -4.48 21.93
CA GLU A 183 -1.04 -5.39 22.80
C GLU A 183 0.46 -5.29 22.53
N ALA A 184 0.83 -5.21 21.25
CA ALA A 184 2.23 -4.98 20.85
C ALA A 184 2.78 -3.67 21.37
N LEU A 185 1.99 -2.62 21.31
CA LEU A 185 2.43 -1.32 21.79
C LEU A 185 2.85 -1.35 23.27
N GLU A 186 2.12 -2.09 24.10
CA GLU A 186 2.44 -2.22 25.51
CA GLU A 186 2.49 -2.16 25.50
C GLU A 186 3.70 -3.06 25.75
N LEU A 187 3.93 -4.03 24.87
CA LEU A 187 5.03 -5.00 25.02
C LEU A 187 6.37 -4.49 24.52
N ILE A 188 6.39 -3.69 23.46
CA ILE A 188 7.66 -3.20 22.93
C ILE A 188 8.02 -1.87 23.60
N PRO A 189 9.08 -1.85 24.42
CA PRO A 189 9.37 -0.60 25.14
C PRO A 189 9.80 0.53 24.20
N GLU A 190 9.55 1.78 24.58
CA GLU A 190 10.03 2.93 23.80
C GLU A 190 11.55 2.94 23.74
N THR A 191 12.19 2.31 24.72
CA THR A 191 13.66 2.26 24.74
C THR A 191 14.26 1.13 23.87
N TYR A 192 13.44 0.26 23.27
CA TYR A 192 14.00 -0.78 22.40
C TYR A 192 14.53 -0.16 21.11
N VAL A 193 15.80 -0.46 20.78
CA VAL A 193 16.48 0.05 19.60
C VAL A 193 16.56 -1.04 18.55
N ARG A 194 15.77 -0.89 17.47
CA ARG A 194 15.85 -1.81 16.34
C ARG A 194 17.07 -1.43 15.51
N ASP A 195 17.62 -2.38 14.79
CA ASP A 195 18.82 -2.17 13.99
C ASP A 195 18.64 -2.18 12.47
N ALA A 196 17.39 -2.24 12.02
CA ALA A 196 17.09 -2.25 10.61
C ALA A 196 15.67 -1.80 10.36
N LYS A 197 15.44 -1.21 9.19
CA LYS A 197 14.17 -0.55 8.89
C LYS A 197 13.00 -1.49 8.68
N HIS A 198 13.24 -2.79 8.50
CA HIS A 198 12.10 -3.75 8.38
C HIS A 198 11.63 -4.23 9.77
N LYS A 199 12.44 -4.00 10.80
CA LYS A 199 12.14 -4.48 12.15
C LYS A 199 11.10 -3.56 12.80
N ILE A 200 10.20 -4.14 13.57
CA ILE A 200 9.13 -3.41 14.21
C ILE A 200 9.56 -2.92 15.60
N ASP A 201 9.55 -1.62 15.82
CA ASP A 201 9.81 -1.03 17.12
C ASP A 201 8.56 -0.24 17.54
N ASN A 202 8.67 0.50 18.64
CA ASN A 202 7.53 1.26 19.16
C ASN A 202 6.98 2.20 18.10
N GLU A 203 7.84 2.93 17.39
CA GLU A 203 7.38 3.86 16.36
C GLU A 203 6.60 3.16 15.23
N VAL A 204 7.12 2.02 14.78
CA VAL A 204 6.45 1.25 13.73
C VAL A 204 5.06 0.83 14.20
N VAL A 205 4.96 0.33 15.44
CA VAL A 205 3.64 -0.03 15.99
C VAL A 205 2.67 1.18 16.01
N LEU A 206 3.13 2.33 16.48
CA LEU A 206 2.29 3.52 16.50
C LEU A 206 1.80 3.83 15.08
N GLY A 207 2.68 3.67 14.09
CA GLY A 207 2.31 4.02 12.74
C GLY A 207 1.27 3.05 12.19
N ILE A 208 1.52 1.74 12.36
CA ILE A 208 0.52 0.78 11.83
C ILE A 208 -0.82 0.91 12.58
N LEU A 209 -0.75 1.19 13.88
CA LEU A 209 -1.96 1.47 14.69
C LEU A 209 -2.72 2.66 14.16
N SER A 210 -1.99 3.72 13.81
CA SER A 210 -2.58 4.95 13.26
C SER A 210 -3.36 4.64 12.00
N ARG A 211 -2.73 3.87 11.10
CA ARG A 211 -3.35 3.45 9.86
C ARG A 211 -4.60 2.60 10.14
N ALA A 212 -4.42 1.57 10.95
CA ALA A 212 -5.53 0.64 11.25
C ALA A 212 -6.73 1.33 11.88
N CYS A 213 -6.47 2.23 12.82
CA CYS A 213 -7.50 2.95 13.46
C CYS A 213 -8.19 3.91 12.53
N LEU A 214 -7.46 4.55 11.64
CA LEU A 214 -8.09 5.36 10.61
C LEU A 214 -9.04 4.54 9.72
N TYR A 215 -8.55 3.41 9.21
CA TYR A 215 -9.34 2.60 8.31
C TYR A 215 -10.59 2.01 8.97
N ALA A 216 -10.47 1.72 10.26
CA ALA A 216 -11.58 1.25 11.09
C ALA A 216 -12.55 2.35 11.58
N ARG A 217 -12.26 3.61 11.23
CA ARG A 217 -13.07 4.77 11.64
C ARG A 217 -13.07 5.05 13.14
N GLN A 218 -11.96 4.66 13.79
CA GLN A 218 -11.68 4.93 15.21
CA GLN A 218 -11.73 4.95 15.20
C GLN A 218 -10.86 6.22 15.28
N TRP A 219 -11.54 7.34 15.02
CA TRP A 219 -10.85 8.61 14.78
C TRP A 219 -10.03 9.05 16.00
N GLU A 220 -10.64 8.97 17.19
CA GLU A 220 -9.95 9.37 18.43
C GLU A 220 -8.65 8.58 18.63
N LYS A 221 -8.71 7.26 18.41
CA LYS A 221 -7.50 6.45 18.50
C LYS A 221 -6.46 6.80 17.43
N ALA A 222 -6.92 7.02 16.19
CA ALA A 222 -6.02 7.36 15.08
C ALA A 222 -5.28 8.65 15.38
N LYS A 223 -6.02 9.61 15.90
CA LYS A 223 -5.42 10.89 16.35
C LYS A 223 -4.41 10.66 17.47
N THR A 224 -4.79 9.87 18.46
CA THR A 224 -3.94 9.64 19.65
C THR A 224 -2.62 9.00 19.26
N TYR A 225 -2.69 7.95 18.46
CA TYR A 225 -1.48 7.23 18.12
C TYR A 225 -0.62 8.02 17.13
N SER A 226 -1.23 8.72 16.16
CA SER A 226 -0.42 9.50 15.21
C SER A 226 0.19 10.74 15.87
N ASP A 227 -0.53 11.38 16.80
CA ASP A 227 0.06 12.45 17.61
C ASP A 227 1.33 11.92 18.35
N LYS A 228 1.23 10.77 19.00
CA LYS A 228 2.39 10.18 19.74
C LYS A 228 3.56 9.97 18.81
N LEU A 229 3.29 9.43 17.63
CA LEU A 229 4.32 9.17 16.61
C LEU A 229 4.98 10.49 16.18
N LEU A 230 4.17 11.48 15.86
CA LEU A 230 4.75 12.74 15.38
C LEU A 230 5.52 13.48 16.47
N ALA A 231 5.16 13.26 17.74
CA ALA A 231 5.91 13.85 18.88
C ALA A 231 7.31 13.26 18.99
N LYS A 232 7.49 12.04 18.48
CA LYS A 232 8.78 11.34 18.46
C LYS A 232 9.54 11.51 17.13
N ASP A 233 8.81 11.68 16.02
CA ASP A 233 9.41 11.68 14.69
C ASP A 233 8.53 12.43 13.70
N ASN A 234 8.91 13.64 13.34
CA ASN A 234 8.10 14.47 12.43
C ASN A 234 8.86 14.87 11.17
N TYR A 235 9.91 14.10 10.88
CA TYR A 235 10.79 14.38 9.76
C TYR A 235 10.08 14.27 8.41
N LEU A 236 10.27 15.26 7.56
CA LEU A 236 9.84 15.18 6.19
C LEU A 236 11.06 15.39 5.30
N MSE A 237 11.21 14.53 4.29
CA MSE A 237 12.45 14.49 3.50
C MSE A 237 12.59 15.73 2.62
O MSE A 237 11.61 16.45 2.34
CB MSE A 237 12.52 13.20 2.67
CG MSE A 237 11.55 13.09 1.51
SE MSE A 237 11.83 11.52 0.46
CE MSE A 237 10.56 10.48 1.44
N THR A 238 13.83 16.00 2.25
CA THR A 238 14.13 17.14 1.39
C THR A 238 13.80 16.83 -0.07
N GLU A 239 13.85 17.88 -0.88
CA GLU A 239 13.65 17.72 -2.31
C GLU A 239 14.66 16.73 -2.92
N SER A 240 15.95 16.87 -2.60
CA SER A 240 16.96 15.96 -3.15
CA SER A 240 16.94 15.96 -3.19
CA SER A 240 16.98 15.97 -3.14
C SER A 240 16.66 14.52 -2.76
N GLU A 241 16.25 14.31 -1.52
CA GLU A 241 15.88 12.94 -1.04
C GLU A 241 14.63 12.40 -1.79
N TYR A 242 13.64 13.23 -1.96
CA TYR A 242 12.41 12.84 -2.70
C TYR A 242 12.71 12.45 -4.16
N LYS A 243 13.71 13.11 -4.75
CA LYS A 243 14.13 12.85 -6.12
C LYS A 243 15.17 11.75 -6.28
N ALA A 244 15.57 11.11 -5.18
CA ALA A 244 16.63 10.12 -5.19
C ALA A 244 16.23 8.72 -5.60
N GLY A 245 14.95 8.49 -5.92
CA GLY A 245 14.53 7.23 -6.55
C GLY A 245 13.67 6.30 -5.68
N PHE A 246 13.34 6.70 -4.44
CA PHE A 246 12.43 5.89 -3.57
C PHE A 246 12.88 4.40 -3.47
N ASN A 247 14.18 4.22 -3.27
CA ASN A 247 14.82 2.92 -3.46
C ASN A 247 15.83 2.51 -2.36
N SER A 248 15.82 3.24 -1.24
CA SER A 248 16.73 2.94 -0.10
C SER A 248 16.06 3.13 1.24
N VAL A 249 16.15 2.13 2.12
CA VAL A 249 15.61 2.24 3.47
C VAL A 249 16.38 3.23 4.37
N ASP A 250 17.56 3.65 3.91
CA ASP A 250 18.39 4.61 4.61
C ASP A 250 17.70 6.00 4.73
N ASN A 251 16.67 6.27 3.94
CA ASN A 251 15.98 7.56 3.98
C ASN A 251 15.33 7.79 5.35
N LYS A 252 15.57 8.96 5.95
CA LYS A 252 15.07 9.25 7.32
C LYS A 252 13.55 9.38 7.43
N GLU A 253 12.87 9.55 6.30
CA GLU A 253 11.41 9.62 6.36
C GLU A 253 10.76 8.24 6.30
N TRP A 254 11.51 7.23 5.89
CA TRP A 254 10.98 5.87 5.87
C TRP A 254 10.97 5.33 7.29
N ILE A 255 9.77 5.06 7.79
CA ILE A 255 9.57 4.41 9.07
C ILE A 255 9.75 2.90 8.96
N TRP A 256 9.33 2.34 7.82
CA TRP A 256 9.30 0.92 7.64
C TRP A 256 9.52 0.60 6.19
N GLY A 257 10.40 -0.36 5.95
CA GLY A 257 10.68 -0.77 4.62
C GLY A 257 11.53 -2.02 4.54
N HIS A 258 11.63 -2.57 3.34
CA HIS A 258 12.31 -3.86 3.11
C HIS A 258 13.58 -3.64 2.25
N ALA A 259 14.73 -3.89 2.82
CA ALA A 259 16.01 -3.68 2.11
C ALA A 259 16.26 -4.81 1.11
N GLN A 260 17.09 -4.50 0.12
CA GLN A 260 17.45 -5.41 -0.97
C GLN A 260 18.95 -5.47 -1.18
N THR A 261 19.46 -6.69 -1.38
CA THR A 261 20.87 -6.93 -1.59
C THR A 261 20.97 -8.06 -2.58
N ASN A 262 22.17 -8.34 -3.06
CA ASN A 262 22.34 -9.42 -4.04
C ASN A 262 21.86 -10.76 -3.51
N ASP A 263 21.95 -10.97 -2.19
CA ASP A 263 21.50 -12.16 -1.46
CA ASP A 263 21.46 -12.26 -1.70
C ASP A 263 19.99 -12.23 -1.24
N GLN A 264 19.36 -11.07 -1.27
CA GLN A 264 17.93 -10.96 -0.95
C GLN A 264 17.36 -9.93 -1.93
N SER A 265 17.04 -10.40 -3.13
CA SER A 265 16.76 -9.52 -4.27
C SER A 265 15.46 -9.78 -5.02
N ASN A 266 14.60 -10.66 -4.51
CA ASN A 266 13.36 -10.93 -5.24
C ASN A 266 12.42 -9.75 -5.27
N ALA A 267 12.25 -9.03 -4.14
CA ALA A 267 11.29 -7.96 -4.11
C ALA A 267 11.63 -6.86 -5.13
N SER A 268 12.92 -6.68 -5.37
CA SER A 268 13.40 -5.64 -6.30
C SER A 268 12.78 -5.78 -7.71
N TYR A 269 12.36 -6.98 -8.07
CA TYR A 269 11.82 -7.21 -9.40
C TYR A 269 10.63 -6.30 -9.68
N GLN A 270 9.91 -5.88 -8.65
CA GLN A 270 8.80 -4.97 -8.86
C GLN A 270 9.16 -3.58 -9.35
N PHE A 271 10.43 -3.18 -9.22
CA PHE A 271 10.94 -1.98 -9.92
C PHE A 271 10.91 -2.11 -11.45
N HIS A 272 10.85 -3.32 -11.99
CA HIS A 272 10.63 -3.45 -13.42
C HIS A 272 9.26 -2.92 -13.89
N TYR A 273 8.32 -2.82 -12.97
CA TYR A 273 6.97 -2.24 -13.17
C TYR A 273 6.97 -0.74 -12.83
N LEU A 274 7.54 -0.42 -11.68
CA LEU A 274 7.48 0.96 -11.13
C LEU A 274 8.46 1.95 -11.77
N ASP A 275 9.59 1.46 -12.26
CA ASP A 275 10.61 2.33 -12.86
C ASP A 275 10.27 2.45 -14.34
N THR A 276 9.83 3.65 -14.73
CA THR A 276 9.42 3.93 -16.10
C THR A 276 10.43 4.81 -16.81
N THR A 277 11.59 5.01 -16.17
CA THR A 277 12.59 5.95 -16.69
C THR A 277 14.03 5.41 -16.86
N THR A 278 14.45 4.42 -16.06
CA THR A 278 15.80 3.88 -16.20
C THR A 278 15.94 2.93 -17.40
N LYS A 279 16.92 3.19 -18.27
CA LYS A 279 17.26 2.24 -19.33
C LYS A 279 17.67 0.92 -18.70
N GLY A 280 16.96 -0.15 -19.08
CA GLY A 280 17.16 -1.46 -18.45
C GLY A 280 15.97 -1.97 -17.65
N SER A 281 15.04 -1.09 -17.25
CA SER A 281 13.78 -1.57 -16.66
C SER A 281 13.02 -2.40 -17.68
N TYR A 282 12.49 -3.54 -17.27
CA TYR A 282 12.04 -4.51 -18.23
C TYR A 282 10.66 -4.14 -18.79
N TYR A 283 9.80 -3.54 -17.98
CA TYR A 283 8.38 -3.37 -18.35
C TYR A 283 7.87 -1.92 -18.29
N TYR A 284 8.51 -1.08 -17.48
CA TYR A 284 8.22 0.36 -17.42
C TYR A 284 6.72 0.63 -17.55
N SER A 285 5.92 -0.05 -16.74
CA SER A 285 4.48 -0.18 -17.05
C SER A 285 3.54 0.70 -16.22
N PHE A 286 4.00 1.10 -15.03
CA PHE A 286 3.21 1.98 -14.11
C PHE A 286 3.35 3.43 -14.50
N ASN A 287 2.62 3.81 -15.56
CA ASN A 287 2.71 5.15 -16.06
C ASN A 287 1.63 6.00 -15.42
N VAL A 288 1.67 7.27 -15.71
CA VAL A 288 0.87 8.24 -14.96
C VAL A 288 -0.34 8.69 -15.80
N ASP A 289 -1.49 8.82 -15.17
CA ASP A 289 -2.60 9.59 -15.82
C ASP A 289 -2.10 11.00 -16.10
N PRO A 290 -2.13 11.45 -17.38
CA PRO A 290 -1.61 12.78 -17.60
C PRO A 290 -2.38 13.84 -16.79
N TYR A 291 -3.66 13.61 -16.56
CA TYR A 291 -4.44 14.54 -15.72
C TYR A 291 -4.01 14.60 -14.24
N PHE A 292 -3.31 13.58 -13.75
CA PHE A 292 -2.78 13.59 -12.38
C PHE A 292 -1.79 14.75 -12.15
N ARG A 293 -1.05 15.14 -13.19
CA ARG A 293 -0.07 16.22 -13.08
C ARG A 293 -0.79 17.56 -12.82
N ASP A 294 -2.01 17.71 -13.34
CA ASP A 294 -2.80 18.90 -13.07
C ASP A 294 -3.31 19.07 -11.63
N LEU A 295 -3.18 18.05 -10.81
CA LEU A 295 -3.50 18.15 -9.40
C LEU A 295 -2.46 18.94 -8.60
N PHE A 296 -1.29 19.23 -9.20
CA PHE A 296 -0.19 19.90 -8.55
C PHE A 296 -0.10 21.35 -8.99
N GLU A 297 0.20 22.23 -8.03
CA GLU A 297 0.51 23.61 -8.35
C GLU A 297 1.96 23.78 -8.82
N ASP A 298 2.18 24.69 -9.76
CA ASP A 298 3.53 25.05 -10.15
C ASP A 298 4.28 25.53 -8.90
N GLY A 299 5.53 25.09 -8.76
CA GLY A 299 6.29 25.33 -7.52
C GLY A 299 6.38 24.09 -6.63
N ASP A 300 5.46 23.15 -6.78
CA ASP A 300 5.51 21.88 -6.05
C ASP A 300 6.51 21.03 -6.78
N TYR A 301 7.58 20.61 -6.12
CA TYR A 301 8.63 19.90 -6.82
C TYR A 301 8.22 18.51 -7.29
N ARG A 302 7.11 17.96 -6.76
CA ARG A 302 6.63 16.68 -7.24
C ARG A 302 6.12 16.78 -8.70
N LYS A 303 5.64 17.97 -9.07
CA LYS A 303 5.06 18.20 -10.40
C LYS A 303 6.15 18.06 -11.47
N GLU A 304 7.38 18.41 -11.11
CA GLU A 304 8.60 18.35 -11.95
CA GLU A 304 8.43 18.36 -12.12
C GLU A 304 8.97 16.92 -12.31
N MSE A 305 8.56 15.98 -11.44
CA MSE A 305 8.89 14.55 -11.58
C MSE A 305 7.96 13.81 -12.57
O MSE A 305 8.15 12.61 -12.86
CB MSE A 305 8.85 13.89 -10.20
CG MSE A 305 9.93 14.50 -9.32
SE MSE A 305 9.65 14.17 -7.44
CE MSE A 305 9.44 12.38 -7.56
N LEU A 306 6.96 14.53 -13.06
CA LEU A 306 5.95 14.00 -13.99
C LEU A 306 6.20 14.62 -15.38
N PHE A 307 6.55 13.79 -16.34
CA PHE A 307 6.90 14.30 -17.66
C PHE A 307 6.70 13.25 -18.73
N TRP A 308 6.44 13.71 -19.95
CA TRP A 308 6.35 12.82 -21.12
C TRP A 308 7.71 12.24 -21.44
N ALA A 309 7.73 10.98 -21.81
CA ALA A 309 8.95 10.37 -22.34
C ALA A 309 8.57 9.14 -23.13
N THR A 310 9.45 8.79 -24.05
CA THR A 310 9.36 7.53 -24.74
C THR A 310 9.84 6.39 -23.80
N ASP A 311 9.53 5.15 -24.18
CA ASP A 311 9.88 3.97 -23.35
C ASP A 311 11.39 3.93 -23.11
N PRO A 312 11.79 3.69 -21.85
CA PRO A 312 13.22 3.79 -21.52
C PRO A 312 14.00 2.70 -22.25
N GLY A 313 15.05 3.10 -22.95
CA GLY A 313 15.83 2.16 -23.76
C GLY A 313 15.44 2.10 -25.23
N ALA A 314 14.20 2.47 -25.60
CA ALA A 314 13.72 2.37 -26.99
C ALA A 314 14.33 3.49 -27.80
N ASP A 315 14.50 3.24 -29.09
CA ASP A 315 14.95 4.27 -30.01
C ASP A 315 13.92 5.39 -30.06
N VAL A 316 14.31 6.64 -29.78
CA VAL A 316 13.32 7.73 -29.64
C VAL A 316 12.62 8.01 -30.98
N GLU A 317 13.37 7.99 -32.09
CA GLU A 317 12.79 8.19 -33.42
C GLU A 317 11.80 7.08 -33.86
N SER A 318 12.02 5.83 -33.46
CA SER A 318 11.19 4.69 -33.84
C SER A 318 9.85 4.64 -33.01
N ALA A 319 9.76 5.39 -31.91
CA ALA A 319 8.63 5.27 -30.97
C ALA A 319 7.47 6.18 -31.40
N ALA A 320 6.27 5.61 -31.47
CA ALA A 320 5.07 6.37 -31.87
C ALA A 320 4.49 7.20 -30.73
N TYR A 321 4.63 6.72 -29.49
CA TYR A 321 3.98 7.35 -28.34
C TYR A 321 4.94 7.83 -27.30
N VAL A 322 4.52 8.86 -26.57
CA VAL A 322 5.07 9.15 -25.27
C VAL A 322 3.96 8.82 -24.23
N TRP A 323 4.39 8.39 -23.05
CA TRP A 323 3.51 8.19 -21.92
C TRP A 323 3.99 9.13 -20.83
N MSE A 324 3.15 9.44 -19.86
CA MSE A 324 3.55 10.29 -18.75
CA MSE A 324 3.61 10.28 -18.77
C MSE A 324 4.28 9.41 -17.72
O MSE A 324 3.71 8.44 -17.23
CB MSE A 324 2.33 11.03 -18.17
CB MSE A 324 2.53 11.12 -18.16
CG MSE A 324 2.64 12.02 -17.01
CG MSE A 324 3.13 12.07 -17.11
SE MSE A 324 3.38 13.70 -17.58
SE MSE A 324 1.88 13.38 -16.60
CE MSE A 324 1.80 14.39 -18.40
CE MSE A 324 1.83 14.34 -18.28
N ARG A 325 5.53 9.75 -17.44
CA ARG A 325 6.35 9.02 -16.50
C ARG A 325 6.44 9.75 -15.20
N ASN A 326 6.69 8.97 -14.13
CA ASN A 326 7.06 9.52 -12.84
C ASN A 326 8.50 9.08 -12.53
N SER A 327 9.42 10.03 -12.35
CA SER A 327 10.78 9.69 -11.92
C SER A 327 10.82 9.19 -10.45
N LYS A 328 9.68 9.14 -9.78
CA LYS A 328 9.64 8.83 -8.32
C LYS A 328 10.42 7.57 -7.94
N PHE A 329 10.09 6.45 -8.61
CA PHE A 329 10.68 5.15 -8.31
C PHE A 329 11.72 4.82 -9.38
N ARG A 330 12.96 4.61 -8.96
CA ARG A 330 13.99 4.12 -9.85
C ARG A 330 14.82 3.04 -9.20
N PHE A 331 15.28 2.06 -9.97
CA PHE A 331 16.24 1.10 -9.47
C PHE A 331 17.42 1.83 -8.81
N ARG A 332 17.86 1.30 -7.69
CA ARG A 332 19.08 1.78 -7.04
C ARG A 332 20.31 1.30 -7.78
N ASP A 333 20.32 0.01 -8.11
CA ASP A 333 21.44 -0.62 -8.82
C ASP A 333 20.82 -1.31 -10.02
N ILE A 334 20.95 -0.73 -11.21
CA ILE A 334 20.21 -1.26 -12.37
C ILE A 334 20.88 -2.53 -12.93
N GLU A 335 22.20 -2.60 -12.88
CA GLU A 335 22.91 -3.78 -13.38
C GLU A 335 22.56 -5.03 -12.54
N ASN A 336 22.45 -4.86 -11.23
CA ASN A 336 22.17 -5.97 -10.31
C ASN A 336 20.73 -6.01 -9.87
N GLN A 337 19.93 -5.10 -10.42
CA GLN A 337 18.47 -5.06 -10.24
C GLN A 337 18.04 -5.00 -8.77
N LEU A 338 18.50 -3.97 -8.07
CA LEU A 338 18.16 -3.79 -6.66
C LEU A 338 17.41 -2.49 -6.46
N GLY A 339 16.40 -2.55 -5.62
CA GLY A 339 15.70 -1.35 -5.11
C GLY A 339 14.88 -1.72 -3.92
N ASP A 340 14.95 -0.90 -2.86
CA ASP A 340 14.27 -1.22 -1.61
C ASP A 340 12.77 -0.88 -1.71
N ILE A 341 11.98 -1.52 -0.87
CA ILE A 341 10.53 -1.41 -0.93
C ILE A 341 10.02 -0.62 0.29
N VAL A 342 9.48 0.56 0.04
CA VAL A 342 8.91 1.39 1.11
C VAL A 342 7.54 0.83 1.58
N LEU A 343 7.30 0.79 2.91
CA LEU A 343 6.05 0.32 3.42
C LEU A 343 5.33 1.43 4.23
N MSE A 344 6.07 2.34 4.83
CA MSE A 344 5.45 3.40 5.65
C MSE A 344 6.40 4.57 5.80
O MSE A 344 7.57 4.35 6.16
CB MSE A 344 5.05 2.90 7.04
CG MSE A 344 4.27 3.89 7.78
SE MSE A 344 3.42 3.01 9.36
CE MSE A 344 4.86 2.34 10.18
N ARG A 345 5.94 5.79 5.52
CA ARG A 345 6.72 7.01 5.68
C ARG A 345 6.03 7.99 6.64
N VAL A 346 6.82 8.90 7.17
CA VAL A 346 6.27 9.92 8.07
C VAL A 346 5.18 10.77 7.36
N ALA A 347 5.33 11.08 6.08
CA ALA A 347 4.30 11.84 5.40
C ALA A 347 2.92 11.22 5.54
N GLU A 348 2.80 9.90 5.45
CA GLU A 348 1.53 9.23 5.66
C GLU A 348 0.96 9.52 7.04
N ILE A 349 1.83 9.59 8.05
CA ILE A 349 1.39 9.85 9.44
C ILE A 349 0.84 11.26 9.56
N TYR A 350 1.47 12.23 8.90
CA TYR A 350 0.90 13.59 8.86
C TYR A 350 -0.51 13.56 8.23
N LEU A 351 -0.65 12.80 7.15
CA LEU A 351 -1.95 12.72 6.47
C LEU A 351 -3.02 11.97 7.28
N ILE A 352 -2.64 10.89 7.98
CA ILE A 352 -3.54 10.17 8.88
C ILE A 352 -4.00 11.10 10.04
N ASN A 353 -3.05 11.76 10.65
CA ASN A 353 -3.32 12.74 11.70
C ASN A 353 -4.31 13.82 11.22
N ALA A 354 -4.05 14.39 10.04
CA ALA A 354 -4.97 15.37 9.44
C ALA A 354 -6.37 14.82 9.22
N GLU A 355 -6.47 13.63 8.66
CA GLU A 355 -7.78 13.06 8.37
C GLU A 355 -8.59 12.70 9.63
N ALA A 356 -7.92 12.09 10.62
CA ALA A 356 -8.58 11.77 11.87
C ALA A 356 -9.10 13.05 12.51
N LYS A 357 -8.25 14.08 12.52
CA LYS A 357 -8.66 15.36 13.09
C LYS A 357 -9.87 16.02 12.34
N ALA A 358 -9.92 15.88 11.01
CA ALA A 358 -11.03 16.40 10.19
C ALA A 358 -12.34 15.73 10.62
N HIS A 359 -12.31 14.43 10.82
CA HIS A 359 -13.48 13.69 11.32
C HIS A 359 -13.90 14.09 12.71
N LEU A 360 -12.93 14.48 13.54
CA LEU A 360 -13.18 14.92 14.91
C LEU A 360 -13.52 16.42 15.02
N ASN A 361 -13.50 17.12 13.89
CA ASN A 361 -13.65 18.57 13.86
C ASN A 361 -12.63 19.35 14.69
N ASP A 362 -11.43 18.79 14.71
CA ASP A 362 -10.27 19.39 15.38
C ASP A 362 -9.58 20.35 14.39
N PRO A 363 -9.57 21.65 14.70
CA PRO A 363 -8.96 22.65 13.78
C PRO A 363 -7.54 22.40 13.38
N ASP A 364 -6.79 21.61 14.16
CA ASP A 364 -5.38 21.33 13.85
C ASP A 364 -5.19 20.50 12.56
N ALA A 365 -6.26 19.88 12.04
CA ALA A 365 -6.17 19.11 10.81
C ALA A 365 -5.48 19.88 9.70
N ILE A 366 -5.89 21.13 9.51
CA ILE A 366 -5.37 21.90 8.40
C ILE A 366 -3.88 22.21 8.58
N ASN A 367 -3.39 22.25 9.81
CA ASN A 367 -1.98 22.59 10.01
C ASN A 367 -1.08 21.43 9.59
N LYS A 368 -1.52 20.21 9.90
CA LYS A 368 -0.77 19.01 9.52
C LYS A 368 -0.76 18.84 8.01
N LEU A 369 -1.90 19.09 7.37
CA LEU A 369 -1.98 19.10 5.91
C LEU A 369 -1.04 20.15 5.30
N ASN A 370 -1.08 21.35 5.86
CA ASN A 370 -0.24 22.45 5.37
C ASN A 370 1.25 22.21 5.62
N ASP A 371 1.61 21.52 6.70
CA ASP A 371 3.02 21.16 6.96
C ASP A 371 3.56 20.31 5.77
N LEU A 372 2.79 19.30 5.35
CA LEU A 372 3.20 18.44 4.25
C LEU A 372 3.24 19.26 2.97
N LYS A 373 2.19 20.04 2.73
CA LYS A 373 2.15 20.86 1.51
C LYS A 373 3.38 21.81 1.42
N THR A 374 3.65 22.54 2.50
CA THR A 374 4.82 23.39 2.59
C THR A 374 6.12 22.64 2.26
N ALA A 375 6.28 21.46 2.83
CA ALA A 375 7.50 20.69 2.66
C ALA A 375 7.71 20.37 1.17
N ARG A 376 6.62 20.19 0.43
CA ARG A 376 6.76 19.82 -0.98
C ARG A 376 6.70 21.02 -1.95
N GLY A 377 6.43 22.22 -1.45
CA GLY A 377 6.29 23.38 -2.32
C GLY A 377 4.88 23.62 -2.88
N ALA A 378 3.91 22.88 -2.36
CA ALA A 378 2.52 23.02 -2.74
C ALA A 378 1.88 24.25 -2.06
N LYS A 379 0.84 24.78 -2.69
CA LYS A 379 0.15 25.91 -2.13
C LYS A 379 -0.59 25.46 -0.87
N THR A 380 -0.43 26.23 0.21
CA THR A 380 -1.15 25.94 1.45
C THR A 380 -2.62 26.38 1.38
N ILE A 381 -3.42 25.77 2.24
CA ILE A 381 -4.85 26.05 2.28
C ILE A 381 -5.01 27.25 3.22
N HIS A 382 -5.63 28.30 2.73
CA HIS A 382 -5.85 29.48 3.61
CA HIS A 382 -5.83 29.58 3.44
C HIS A 382 -7.31 29.95 3.59
N THR A 383 -8.21 28.99 3.33
CA THR A 383 -9.62 29.19 3.54
CA THR A 383 -9.63 29.17 3.55
C THR A 383 -10.16 28.04 4.38
N ASN A 384 -11.15 28.31 5.22
CA ASN A 384 -11.82 27.25 5.97
C ASN A 384 -12.78 26.45 5.09
N LEU A 385 -12.57 25.16 5.04
CA LEU A 385 -13.41 24.29 4.27
C LEU A 385 -14.44 23.61 5.18
N SER A 386 -15.57 23.20 4.61
CA SER A 386 -16.46 22.29 5.31
C SER A 386 -15.67 21.02 5.64
N GLN A 387 -16.14 20.28 6.63
CA GLN A 387 -15.53 19.00 7.00
C GLN A 387 -15.44 18.14 5.73
N GLN A 388 -16.51 18.07 4.94
CA GLN A 388 -16.47 17.23 3.74
C GLN A 388 -15.42 17.70 2.71
N ASP A 389 -15.33 19.00 2.46
CA ASP A 389 -14.34 19.55 1.50
C ASP A 389 -12.90 19.40 2.04
N LEU A 390 -12.73 19.51 3.35
CA LEU A 390 -11.41 19.28 3.98
C LEU A 390 -11.01 17.83 3.81
N LEU A 391 -11.93 16.90 4.10
CA LEU A 391 -11.65 15.50 3.80
C LEU A 391 -11.28 15.25 2.35
N GLU A 392 -12.00 15.84 1.40
CA GLU A 392 -11.65 15.61 0.00
CA GLU A 392 -11.67 15.67 -0.03
C GLU A 392 -10.27 16.19 -0.35
N THR A 393 -9.91 17.27 0.27
CA THR A 393 -8.60 17.92 0.06
C THR A 393 -7.47 17.04 0.63
N ILE A 394 -7.75 16.43 1.77
CA ILE A 394 -6.82 15.46 2.38
C ILE A 394 -6.67 14.20 1.50
N TRP A 395 -7.78 13.67 1.04
CA TRP A 395 -7.76 12.51 0.13
C TRP A 395 -6.98 12.81 -1.17
N LEU A 396 -7.11 14.03 -1.69
CA LEU A 396 -6.35 14.42 -2.89
CA LEU A 396 -6.37 14.45 -2.88
C LEU A 396 -4.87 14.46 -2.59
N GLU A 397 -4.52 15.05 -1.45
CA GLU A 397 -3.09 15.09 -1.06
C GLU A 397 -2.52 13.68 -0.82
N ARG A 398 -3.32 12.74 -0.30
CA ARG A 398 -2.88 11.33 -0.25
C ARG A 398 -2.52 10.78 -1.65
N ARG A 399 -3.37 11.03 -2.66
CA ARG A 399 -3.12 10.57 -4.02
C ARG A 399 -1.85 11.19 -4.56
N LYS A 400 -1.64 12.45 -4.23
CA LYS A 400 -0.49 13.22 -4.75
C LYS A 400 0.81 12.75 -4.09
N GLU A 401 0.79 12.63 -2.78
CA GLU A 401 2.01 12.32 -2.00
C GLU A 401 2.37 10.84 -2.03
N LEU A 402 1.34 9.97 -2.04
CA LEU A 402 1.51 8.51 -1.91
C LEU A 402 1.38 7.74 -3.24
N TRP A 403 1.42 8.45 -4.35
CA TRP A 403 1.28 7.85 -5.68
C TRP A 403 2.24 6.68 -5.82
N GLY A 404 1.71 5.53 -6.24
CA GLY A 404 2.57 4.40 -6.47
C GLY A 404 3.01 3.57 -5.26
N GLU A 405 2.65 4.02 -4.07
CA GLU A 405 3.05 3.34 -2.83
C GLU A 405 2.05 2.35 -2.25
N GLY A 406 0.94 2.14 -2.94
CA GLY A 406 0.02 1.06 -2.61
C GLY A 406 -1.32 1.38 -1.95
N PHE A 407 -1.78 2.61 -2.06
CA PHE A 407 -2.95 3.06 -1.32
C PHE A 407 -4.18 3.35 -2.18
N SER A 408 -4.06 3.42 -3.51
CA SER A 408 -5.21 3.98 -4.27
C SER A 408 -6.50 3.20 -4.06
N LEU A 409 -6.45 1.87 -4.22
CA LEU A 409 -7.68 1.05 -4.05
C LEU A 409 -8.13 1.06 -2.60
N ILE A 410 -7.17 1.10 -1.67
CA ILE A 410 -7.50 1.04 -0.23
C ILE A 410 -8.32 2.26 0.17
N ASP A 411 -7.97 3.39 -0.41
CA ASP A 411 -8.72 4.63 -0.19
C ASP A 411 -10.08 4.63 -0.88
N ILE A 412 -10.13 4.11 -2.12
CA ILE A 412 -11.40 3.98 -2.86
C ILE A 412 -12.42 3.15 -2.05
N ILE A 413 -11.95 2.05 -1.52
CA ILE A 413 -12.77 1.14 -0.69
C ILE A 413 -13.19 1.84 0.62
N ARG A 414 -12.23 2.27 1.42
CA ARG A 414 -12.59 2.77 2.77
C ARG A 414 -13.41 4.06 2.73
N ASN A 415 -13.22 4.89 1.72
CA ASN A 415 -13.95 6.16 1.63
C ASN A 415 -15.26 6.06 0.80
N GLN A 416 -15.53 4.87 0.26
CA GLN A 416 -16.71 4.65 -0.63
C GLN A 416 -16.68 5.62 -1.80
N GLN A 417 -15.51 5.77 -2.39
CA GLN A 417 -15.34 6.64 -3.53
C GLN A 417 -15.43 5.85 -4.80
N THR A 418 -15.49 6.57 -5.93
CA THR A 418 -15.41 5.90 -7.21
CA THR A 418 -15.48 6.00 -7.28
C THR A 418 -14.09 6.19 -7.90
N VAL A 419 -13.59 5.19 -8.64
CA VAL A 419 -12.51 5.38 -9.60
CA VAL A 419 -12.47 5.44 -9.51
C VAL A 419 -12.94 6.40 -10.62
N VAL A 420 -12.05 7.30 -11.01
CA VAL A 420 -12.37 8.32 -12.01
C VAL A 420 -11.23 8.31 -13.04
N ARG A 421 -11.61 8.19 -14.31
CA ARG A 421 -10.64 8.13 -15.42
C ARG A 421 -11.16 8.82 -16.66
N ASN A 422 -10.51 9.91 -17.02
CA ASN A 422 -10.85 10.64 -18.21
C ASN A 422 -9.89 10.41 -19.37
N ALA A 423 -10.41 10.46 -20.58
CA ALA A 423 -9.66 10.24 -21.81
C ALA A 423 -8.74 11.45 -22.07
N TYR A 424 -7.48 11.18 -22.41
CA TYR A 424 -6.52 12.22 -22.82
C TYR A 424 -6.35 12.20 -24.33
N PRO A 425 -6.29 13.39 -24.98
CA PRO A 425 -6.10 13.35 -26.44
C PRO A 425 -4.76 12.75 -26.86
N GLU A 426 -4.71 12.26 -28.09
CA GLU A 426 -3.52 11.68 -28.67
C GLU A 426 -2.49 12.66 -29.23
N GLY A 427 -2.87 13.93 -29.39
CA GLY A 427 -1.92 14.92 -29.93
C GLY A 427 -1.86 14.75 -31.45
N PRO A 428 -0.65 14.68 -32.04
CA PRO A 428 0.67 14.66 -31.41
C PRO A 428 1.09 15.99 -30.79
N ILE A 429 2.17 15.95 -30.02
CA ILE A 429 2.77 17.10 -29.39
C ILE A 429 4.24 17.14 -29.79
N ASP A 430 4.91 18.25 -29.49
CA ASP A 430 6.35 18.30 -29.63
C ASP A 430 7.07 17.80 -28.41
N TYR A 431 7.78 16.69 -28.57
CA TYR A 431 8.49 16.04 -27.47
C TYR A 431 9.95 16.53 -27.48
N ILE A 432 10.41 17.10 -26.35
CA ILE A 432 11.79 17.55 -26.18
C ILE A 432 12.55 16.59 -25.27
N TYR A 433 13.72 16.15 -25.72
CA TYR A 433 14.55 15.19 -24.96
C TYR A 433 16.05 15.42 -25.19
N THR A 434 16.90 14.67 -24.49
CA THR A 434 18.36 14.75 -24.67
C THR A 434 19.03 13.38 -24.95
N ASP A 435 20.13 13.39 -25.73
CA ASP A 435 20.80 12.14 -26.24
C ASP A 435 21.75 11.45 -25.24
N GLN A 439 22.68 16.85 -24.89
CA GLN A 439 22.36 17.36 -26.23
C GLN A 439 20.89 17.13 -26.57
N THR A 440 20.16 18.20 -26.91
CA THR A 440 18.69 18.13 -27.01
C THR A 440 18.13 18.21 -28.44
N HIS A 441 17.08 17.40 -28.70
CA HIS A 441 16.35 17.38 -29.99
C HIS A 441 14.83 17.41 -29.77
N THR A 442 14.08 17.69 -30.83
CA THR A 442 12.60 17.65 -30.79
C THR A 442 12.00 16.80 -31.91
N LEU A 443 10.94 16.06 -31.57
CA LEU A 443 10.17 15.20 -32.48
C LEU A 443 8.66 15.26 -32.14
N LYS A 444 7.81 15.03 -33.14
CA LYS A 444 6.37 14.88 -32.91
C LYS A 444 6.06 13.47 -32.39
N LYS A 445 5.30 13.38 -31.29
CA LYS A 445 4.86 12.10 -30.73
C LYS A 445 3.39 12.15 -30.28
N LYS A 446 2.70 11.02 -30.39
CA LYS A 446 1.37 10.88 -29.83
C LYS A 446 1.41 10.68 -28.32
N THR A 447 0.42 11.22 -27.62
CA THR A 447 0.38 11.19 -26.15
C THR A 447 -0.62 10.11 -25.70
N GLN A 448 -0.21 9.27 -24.75
CA GLN A 448 -1.10 8.23 -24.21
C GLN A 448 -1.52 8.52 -22.77
N GLY A 449 -2.83 8.59 -22.56
CA GLY A 449 -3.42 8.60 -21.23
C GLY A 449 -4.11 7.28 -20.83
N HIS A 450 -5.12 7.38 -19.99
CA HIS A 450 -5.85 6.19 -19.56
C HIS A 450 -6.38 5.37 -20.74
N ARG A 451 -6.54 4.07 -20.50
CA ARG A 451 -7.02 3.13 -21.50
C ARG A 451 -8.32 2.43 -21.13
N PHE A 452 -8.58 2.31 -19.84
CA PHE A 452 -9.71 1.50 -19.34
C PHE A 452 -10.65 2.40 -18.62
N PHE A 453 -11.79 2.69 -19.24
CA PHE A 453 -12.69 3.75 -18.75
C PHE A 453 -13.98 3.27 -18.04
N ASN A 454 -14.12 1.96 -17.94
CA ASN A 454 -15.27 1.32 -17.28
C ASN A 454 -14.86 -0.05 -16.83
N PHE A 455 -15.75 -0.73 -16.10
CA PHE A 455 -15.48 -2.05 -15.61
C PHE A 455 -15.59 -3.07 -16.73
N PRO A 456 -15.06 -4.30 -16.53
CA PRO A 456 -15.05 -5.26 -17.64
C PRO A 456 -16.42 -5.60 -18.23
N ASP A 457 -17.48 -5.52 -17.44
CA ASP A 457 -18.83 -5.81 -17.97
C ASP A 457 -19.55 -4.55 -18.50
N LYS A 458 -18.75 -3.51 -18.76
CA LYS A 458 -19.18 -2.21 -19.29
C LYS A 458 -19.99 -1.40 -18.29
N SER A 459 -20.07 -1.86 -17.04
CA SER A 459 -20.62 -1.00 -16.00
C SER A 459 -19.75 0.24 -15.83
N ALA A 460 -20.41 1.38 -15.64
CA ALA A 460 -19.74 2.61 -15.27
C ALA A 460 -19.07 2.42 -13.91
N PHE A 461 -17.96 3.12 -13.72
CA PHE A 461 -17.30 3.08 -12.42
C PHE A 461 -18.24 3.67 -11.39
N CYS A 462 -18.29 3.06 -10.23
CA CYS A 462 -19.17 3.50 -9.16
C CYS A 462 -18.54 3.12 -7.82
N PRO A 463 -19.03 3.71 -6.71
CA PRO A 463 -18.58 3.23 -5.43
C PRO A 463 -19.04 1.79 -5.13
N ASN A 464 -18.26 1.12 -4.29
CA ASN A 464 -18.67 -0.15 -3.74
C ASN A 464 -18.95 -1.21 -4.80
N SER A 465 -18.10 -1.25 -5.81
CA SER A 465 -18.19 -2.26 -6.87
C SER A 465 -17.54 -3.57 -6.45
N LYS A 466 -18.15 -4.68 -6.89
CA LYS A 466 -17.52 -5.99 -6.78
C LYS A 466 -16.12 -6.03 -7.36
N TYR A 467 -15.84 -5.19 -8.35
CA TYR A 467 -14.53 -5.20 -8.98
C TYR A 467 -13.39 -4.65 -8.09
N TYR A 468 -13.74 -4.01 -6.97
CA TYR A 468 -12.74 -3.46 -6.07
C TYR A 468 -12.20 -4.48 -5.07
N LEU A 469 -12.93 -5.55 -4.78
CA LEU A 469 -12.51 -6.38 -3.62
C LEU A 469 -11.62 -7.56 -3.94
N TYR A 470 -10.64 -7.81 -3.07
CA TYR A 470 -9.94 -9.10 -3.09
C TYR A 470 -10.93 -10.18 -2.63
N ARG A 471 -10.73 -11.39 -3.10
CA ARG A 471 -11.64 -12.52 -2.88
C ARG A 471 -11.02 -13.71 -2.19
N ILE A 472 -11.77 -14.29 -1.28
CA ILE A 472 -11.43 -15.59 -0.73
C ILE A 472 -11.22 -16.55 -1.91
N THR A 473 -10.16 -17.36 -1.82
CA THR A 473 -9.78 -18.27 -2.93
C THR A 473 -10.75 -19.40 -3.16
N ASP A 474 -10.75 -19.93 -4.37
CA ASP A 474 -11.49 -21.13 -4.68
C ASP A 474 -11.11 -22.30 -3.76
N SER A 475 -9.80 -22.46 -3.51
CA SER A 475 -9.32 -23.56 -2.67
CA SER A 475 -9.33 -23.56 -2.68
C SER A 475 -9.91 -23.46 -1.28
N GLU A 476 -9.94 -22.23 -0.72
CA GLU A 476 -10.50 -22.05 0.61
C GLU A 476 -12.00 -22.37 0.63
N GLU A 477 -12.72 -21.97 -0.43
CA GLU A 477 -14.17 -22.30 -0.50
C GLU A 477 -14.45 -23.79 -0.53
N LEU A 478 -13.53 -24.56 -1.08
CA LEU A 478 -13.67 -26.01 -1.08
C LEU A 478 -13.28 -26.61 0.24
N ALA A 479 -12.13 -26.22 0.74
CA ALA A 479 -11.55 -26.85 1.91
C ALA A 479 -12.25 -26.46 3.20
N ASN A 480 -12.71 -25.22 3.31
CA ASN A 480 -13.33 -24.73 4.53
C ASN A 480 -14.84 -24.84 4.43
N LYS A 481 -15.41 -25.91 4.98
CA LYS A 481 -16.82 -26.18 4.80
C LYS A 481 -17.69 -25.25 5.62
N ASN A 482 -17.10 -24.55 6.58
CA ASN A 482 -17.87 -23.62 7.43
C ASN A 482 -17.65 -22.12 7.13
N LEU A 483 -16.98 -21.85 6.01
CA LEU A 483 -16.50 -20.52 5.71
C LEU A 483 -17.56 -19.41 5.89
N TYR A 484 -18.77 -19.65 5.35
CA TYR A 484 -19.82 -18.63 5.30
C TYR A 484 -20.92 -18.90 6.31
N LYS A 485 -20.63 -19.69 7.33
CA LYS A 485 -21.62 -20.04 8.32
C LYS A 485 -22.18 -18.85 9.10
N ASP A 486 -21.32 -17.94 9.53
CA ASP A 486 -21.72 -16.83 10.39
C ASP A 486 -22.07 -15.57 9.58
N HIS A 487 -21.37 -15.38 8.47
CA HIS A 487 -21.55 -14.20 7.60
C HIS A 487 -21.59 -14.70 6.16
N PRO A 488 -22.69 -14.45 5.44
CA PRO A 488 -22.80 -15.01 4.12
C PRO A 488 -21.93 -14.35 3.04
N LYS A 489 -21.59 -15.13 2.03
CA LYS A 489 -20.88 -14.63 0.89
C LYS A 489 -21.73 -13.51 0.27
N LEU A 490 -21.08 -12.47 -0.20
CA LEU A 490 -21.82 -11.33 -0.76
C LEU A 490 -22.64 -11.76 -1.97
N SER A 491 -23.90 -11.31 -2.03
CA SER A 491 -24.83 -11.68 -3.08
C SER A 491 -24.52 -11.05 -4.41
N ILE A 492 -23.55 -10.14 -4.43
CA ILE A 492 -23.10 -9.53 -5.69
C ILE A 492 -22.35 -10.54 -6.58
N TYR A 493 -21.82 -11.60 -5.97
CA TYR A 493 -21.07 -12.62 -6.74
C TYR A 493 -22.04 -13.65 -7.31
N THR A 494 -21.97 -13.86 -8.62
CA THR A 494 -22.87 -14.83 -9.27
C THR A 494 -22.12 -16.14 -9.55
N LYS A 495 -20.83 -16.15 -9.22
CA LYS A 495 -19.95 -17.32 -9.43
C LYS A 495 -18.87 -17.22 -8.33
OH3 1PE B . 10.44 20.48 14.15
C13 1PE B . 10.27 19.41 16.25
C23 1PE B . 9.75 20.56 15.40
OH4 1PE B . 9.33 18.94 17.23
C14 1PE B . 10.38 16.76 17.53
C24 1PE B . 9.11 17.52 17.20
OH5 1PE B . 10.19 15.37 17.31
C15 1PE B . 11.42 14.59 15.52
C25 1PE B . 11.41 14.69 17.02
OH6 1PE B . 12.64 14.12 14.96
C16 1PE B . 13.53 15.39 13.05
C26 1PE B . 12.65 14.23 13.53
OH7 1PE B . 12.76 16.54 12.71
OH4 1PE C . 9.33 23.18 4.91
C14 1PE C . 7.45 22.40 6.26
C24 1PE C . 8.92 22.21 5.86
OH5 1PE C . 6.93 21.37 7.12
C15 1PE C . 7.38 19.85 9.00
C25 1PE C . 7.94 20.76 7.93
OH6 1PE C . 8.38 19.66 9.99
C16 1PE C . 10.43 18.71 10.76
C26 1PE C . 9.55 18.97 9.56
OH7 1PE C . 10.55 19.90 11.55
C14 1PE D . 6.40 21.12 12.96
C24 1PE D . 7.07 21.72 11.75
OH5 1PE D . 5.43 20.15 12.56
C15 1PE D . 4.10 18.48 13.64
C25 1PE D . 5.49 18.94 13.31
OH6 1PE D . 3.97 18.41 15.05
C16 1PE D . 4.57 17.36 17.06
C26 1PE D . 4.36 17.16 15.58
OH7 1PE D . 5.67 18.24 17.27
O10 2PE E . 22.92 10.84 12.61
C11 2PE E . 21.97 9.76 12.59
C12 2PE E . 21.33 9.63 11.21
O13 2PE E . 21.07 8.26 10.91
C14 2PE E . 20.24 8.05 9.76
C15 2PE E . 21.07 7.58 8.58
O16 2PE E . 20.44 6.50 7.89
C17 2PE E . 21.15 5.26 7.80
C18 2PE E . 21.17 4.62 9.18
O19 2PE E . 21.14 3.17 9.21
C20 2PE E . 19.82 2.62 9.33
C21 2PE E . 19.38 2.21 10.74
O22 2PE E . 18.09 1.57 10.69
C23 2PE E . 17.38 1.69 11.92
C24 2PE E . 16.33 2.78 11.85
O25 2PE E . 15.87 3.20 13.12
C26 2PE E . 15.83 4.63 13.28
OH4 1PE F . -7.03 -24.14 1.52
C14 1PE F . -5.71 -22.18 2.23
C24 1PE F . -5.81 -23.42 1.33
OH5 1PE F . -4.39 -21.58 2.19
C15 1PE F . -4.16 -20.80 4.52
C25 1PE F . -3.62 -21.70 3.40
OH6 1PE F . -5.13 -21.49 5.33
C16 1PE F . -6.96 -19.88 5.75
C26 1PE F . -5.79 -20.69 6.33
OH7 1PE F . -8.25 -20.33 6.23
C15 1PE G . -14.48 7.74 -23.56
C25 1PE G . -13.28 7.37 -24.44
OH6 1PE G . -14.09 7.88 -22.18
C16 1PE G . -13.45 10.07 -21.53
C26 1PE G . -14.55 9.02 -21.44
OH7 1PE G . -13.58 11.22 -20.66
C14 1PE H . 6.22 -0.03 27.97
C24 1PE H . 4.98 -0.54 28.70
OH5 1PE H . 5.90 0.33 26.61
C15 1PE H . 5.02 2.06 25.18
C25 1PE H . 4.86 1.31 26.50
OH6 1PE H . 3.85 2.78 24.79
C16 1PE H . 3.41 4.94 23.77
C26 1PE H . 3.84 4.20 25.04
OH7 1PE H . 4.52 4.98 22.84
OH5 1PE I . -8.80 18.07 -22.35
C15 1PE I . -6.41 17.94 -22.30
C25 1PE I . -7.64 18.77 -21.92
OH6 1PE I . -5.61 18.63 -23.25
C16 1PE I . -3.87 20.12 -23.84
C26 1PE I . -4.71 19.57 -22.69
OH7 1PE I . -3.89 19.17 -24.91
OH5 1PE J . -17.44 3.67 15.95
C15 1PE J . -16.65 2.46 14.05
C25 1PE J . -17.04 3.83 14.58
OH6 1PE J . -17.17 2.24 12.74
C16 1PE J . -19.04 1.30 11.51
C26 1PE J . -18.59 2.13 12.69
OH7 1PE J . -20.47 1.35 11.44
OH5 1PE K . 1.72 27.52 11.66
C15 1PE K . 0.19 26.47 13.16
C25 1PE K . 0.42 27.63 12.20
OH6 1PE K . -0.94 26.76 13.99
C16 1PE K . -0.72 26.11 16.29
C26 1PE K . -0.55 27.22 15.27
OH7 1PE K . -0.07 26.50 17.50
C15 1PE L . 10.61 23.93 -2.12
OH6 1PE L . 10.04 23.62 -0.84
C16 1PE L . 10.67 24.20 1.44
C26 1PE L . 10.99 23.36 0.21
OH7 1PE L . 11.25 23.65 2.62
C14 1PE M . 1.16 -22.25 -6.70
OH5 1PE M . 0.39 -21.48 -5.77
C15 1PE M . 2.30 -20.11 -5.22
C25 1PE M . 1.18 -20.99 -4.69
OH6 1PE M . 2.89 -19.42 -4.11
C16 1PE M . 5.08 -20.42 -3.87
C26 1PE M . 4.28 -19.18 -4.26
OH7 1PE M . 5.50 -21.13 -5.04
C15 1PE N . -6.95 -3.86 25.03
OH6 1PE N . -5.53 -3.90 24.91
C16 1PE N . -3.54 -2.98 25.93
C26 1PE N . -4.93 -2.70 25.41
OH7 1PE N . -3.03 -1.93 26.77
#